data_2QVS
#
_entry.id   2QVS
#
_cell.length_a   87.9
_cell.length_b   92.9
_cell.length_c   118.0
_cell.angle_alpha   90
_cell.angle_beta   90
_cell.angle_gamma   90
#
_symmetry.space_group_name_H-M   'P 21 21 21'
#
loop_
_entity.id
_entity.type
_entity.pdbx_description
1 polymer 'cAMP-dependent protein kinase, alpha-catalytic subunit'
2 polymer 'cAMP-dependent protein kinase type II-alpha regulatory subunit'
3 water water
#
loop_
_entity_poly.entity_id
_entity_poly.type
_entity_poly.pdbx_seq_one_letter_code
_entity_poly.pdbx_strand_id
1 'polypeptide(L)'
;GNAAAAKKGSEQESVKEFLAKAKEDFLKKWETPSQNTAQLDQFDRIKTLGTGSFGRVMLVKHKESGNHYAMKILDKQKVV
KLKQIEHTLNEKRILQAVNFPFLVKLEFSFKDNSNLYMVMEYVAGGEMFSHLRRIGRFSEPHARFYAAQIVLTFEYLHSL
DLIYRDLKPENLLIDQQGYIQVTDFGFAKRVKGRTW(TPO)LCGTPEYLAPEIILSKGYNKAVDWWALGVLIYEMAAGYP
PFFADQPIQIYEKIVSGKVRFPSHFSSDLKDLLRNLLQVDLTKRFGNLKNGVNDIKNHKWFATTDWIAIYQRKVEAPFIP
KFKGPGDTSNFDDYEEEEIRV(SEP)INEKCGKEFTEF
;
E
2 'polypeptide(L)'
;TRRVSVCAETFNPDEEEEDNDPRVVHPKTDEQRCRLQEACKDILLFKNLDQEQLSQVLDAMFEKIVKTDEHVIDQGDDGD
NFYVIERGTYDILVTKDNQTRSVGQYDNRGSFGELALMYNTPRAATIIATSEGSLWGLDRVTFRRIIVKNNAKKRKMFES
FIESVPLFKSLEMSERMKIVDVIGEKIYKDGERIIAQGEKADSFYIIESGEVSILIRSKTKSNKNGGNQEVEIAHCHKGQ
YFGELALVTNKPRAASAYGVGDVKCLVMDVQAFERLLGPCMDIMKRNISHYEEQLVKMFGSNLDLMDPGQ
;
B
#
# COMPACT_ATOMS: atom_id res chain seq x y z
N GLU A 13 28.64 -3.37 9.36
CA GLU A 13 28.35 -4.76 9.81
C GLU A 13 28.16 -5.67 8.60
N SER A 14 28.04 -6.97 8.85
CA SER A 14 27.86 -7.91 7.76
C SER A 14 26.51 -7.66 7.08
N VAL A 15 25.58 -7.07 7.83
CA VAL A 15 24.27 -6.78 7.26
C VAL A 15 24.44 -6.00 5.97
N LYS A 16 25.28 -4.96 6.02
CA LYS A 16 25.54 -4.17 4.83
C LYS A 16 26.22 -5.05 3.79
N GLU A 17 27.21 -5.83 4.23
CA GLU A 17 27.93 -6.73 3.32
C GLU A 17 26.95 -7.59 2.55
N PHE A 18 26.16 -8.35 3.31
CA PHE A 18 25.17 -9.24 2.75
C PHE A 18 24.27 -8.55 1.72
N LEU A 19 23.64 -7.44 2.13
CA LEU A 19 22.74 -6.72 1.23
C LEU A 19 23.46 -6.20 -0.01
N ALA A 20 24.68 -5.70 0.16
CA ALA A 20 25.44 -5.18 -0.97
C ALA A 20 25.65 -6.33 -1.95
N LYS A 21 26.22 -7.42 -1.46
CA LYS A 21 26.47 -8.59 -2.29
C LYS A 21 25.13 -9.05 -2.82
N ALA A 22 24.08 -8.86 -2.04
CA ALA A 22 22.75 -9.27 -2.46
C ALA A 22 22.24 -8.46 -3.63
N LYS A 23 22.34 -7.13 -3.54
CA LYS A 23 21.85 -6.28 -4.62
C LYS A 23 22.62 -6.58 -5.90
N GLU A 24 23.92 -6.82 -5.75
CA GLU A 24 24.78 -7.12 -6.88
C GLU A 24 24.20 -8.36 -7.57
N ASP A 25 24.14 -9.46 -6.83
CA ASP A 25 23.61 -10.72 -7.34
C ASP A 25 22.24 -10.57 -7.98
N PHE A 26 21.41 -9.71 -7.41
CA PHE A 26 20.07 -9.49 -7.92
C PHE A 26 20.01 -8.64 -9.19
N LEU A 27 20.69 -7.50 -9.20
CA LEU A 27 20.68 -6.62 -10.37
C LEU A 27 21.21 -7.36 -11.60
N LYS A 28 22.17 -8.26 -11.36
CA LYS A 28 22.77 -9.03 -12.44
C LYS A 28 21.71 -9.94 -13.07
N LYS A 29 20.97 -10.69 -12.24
CA LYS A 29 19.95 -11.60 -12.73
C LYS A 29 18.69 -10.87 -13.16
N TRP A 30 18.50 -9.68 -12.63
CA TRP A 30 17.32 -8.89 -12.96
C TRP A 30 17.46 -8.29 -14.36
N GLU A 31 18.66 -7.80 -14.68
CA GLU A 31 18.92 -7.18 -15.99
C GLU A 31 19.34 -8.18 -17.06
N THR A 32 19.16 -9.46 -16.76
CA THR A 32 19.51 -10.53 -17.68
C THR A 32 18.84 -11.82 -17.19
N PRO A 33 17.50 -11.82 -17.17
CA PRO A 33 16.74 -12.99 -16.72
C PRO A 33 17.23 -14.30 -17.32
N SER A 34 17.30 -15.33 -16.48
CA SER A 34 17.73 -16.66 -16.93
C SER A 34 16.51 -17.30 -17.58
N GLN A 35 16.47 -17.25 -18.91
CA GLN A 35 15.35 -17.80 -19.66
C GLN A 35 15.54 -19.28 -19.93
N ASN A 36 14.43 -19.93 -20.31
CA ASN A 36 14.41 -21.36 -20.64
C ASN A 36 15.71 -22.05 -20.24
N THR A 37 15.79 -22.48 -18.99
CA THR A 37 16.98 -23.15 -18.47
C THR A 37 17.04 -24.64 -18.75
N ALA A 38 16.26 -25.42 -18.02
CA ALA A 38 16.27 -26.87 -18.18
C ALA A 38 15.30 -27.41 -19.25
N GLN A 39 15.47 -28.70 -19.58
CA GLN A 39 14.65 -29.38 -20.58
C GLN A 39 13.59 -30.26 -19.92
N LEU A 40 12.38 -30.25 -20.47
CA LEU A 40 11.27 -31.04 -19.92
C LEU A 40 11.51 -32.55 -19.88
N ASP A 41 12.43 -33.04 -20.70
CA ASP A 41 12.72 -34.46 -20.73
C ASP A 41 13.70 -34.91 -19.65
N GLN A 42 14.08 -33.98 -18.77
CA GLN A 42 14.99 -34.29 -17.68
C GLN A 42 14.16 -34.58 -16.44
N PHE A 43 12.88 -34.18 -16.51
CA PHE A 43 11.94 -34.37 -15.41
C PHE A 43 10.80 -35.28 -15.85
N ASP A 44 10.41 -36.21 -14.97
CA ASP A 44 9.33 -37.16 -15.27
C ASP A 44 7.95 -36.61 -14.91
N ARG A 45 7.34 -37.20 -13.89
CA ARG A 45 6.02 -36.80 -13.43
C ARG A 45 5.54 -37.79 -12.39
N ILE A 46 4.91 -37.29 -11.34
CA ILE A 46 4.40 -38.13 -10.26
C ILE A 46 2.92 -37.80 -10.04
N LYS A 47 2.59 -37.35 -8.84
CA LYS A 47 1.21 -36.99 -8.52
C LYS A 47 0.79 -35.76 -9.33
N THR A 48 -0.36 -35.18 -9.00
CA THR A 48 -0.84 -34.00 -9.72
C THR A 48 -1.70 -33.09 -8.83
N LEU A 49 -1.09 -32.58 -7.76
CA LEU A 49 -1.79 -31.69 -6.83
C LEU A 49 -1.59 -30.24 -7.23
N GLY A 50 -2.50 -29.72 -8.05
CA GLY A 50 -2.41 -28.35 -8.51
C GLY A 50 -3.68 -27.86 -9.18
N THR A 51 -4.82 -28.15 -8.57
CA THR A 51 -6.11 -27.74 -9.09
C THR A 51 -6.58 -26.48 -8.35
N GLY A 52 -7.62 -26.64 -7.52
CA GLY A 52 -8.15 -25.52 -6.75
C GLY A 52 -9.19 -24.70 -7.51
N SER A 53 -8.72 -23.68 -8.22
CA SER A 53 -9.59 -22.81 -8.99
C SER A 53 -8.80 -22.03 -10.04
N PHE A 54 -7.54 -22.43 -10.26
CA PHE A 54 -6.66 -21.79 -11.24
C PHE A 54 -5.31 -22.51 -11.36
N GLY A 55 -4.70 -22.43 -12.55
CA GLY A 55 -3.41 -23.06 -12.76
C GLY A 55 -3.38 -24.58 -12.63
N ARG A 56 -2.34 -25.20 -13.20
CA ARG A 56 -2.17 -26.66 -13.15
C ARG A 56 -0.80 -27.05 -12.59
N VAL A 57 -0.73 -27.23 -11.27
CA VAL A 57 0.52 -27.59 -10.60
C VAL A 57 0.62 -29.11 -10.33
N MET A 58 1.65 -29.74 -10.89
CA MET A 58 1.84 -31.18 -10.70
C MET A 58 3.23 -31.51 -10.19
N LEU A 59 3.33 -32.49 -9.29
CA LEU A 59 4.62 -32.90 -8.75
C LEU A 59 5.45 -33.53 -9.86
N VAL A 60 6.76 -33.61 -9.64
CA VAL A 60 7.65 -34.19 -10.64
C VAL A 60 9.01 -34.53 -10.02
N LYS A 61 9.70 -35.48 -10.63
CA LYS A 61 11.02 -35.91 -10.15
C LYS A 61 12.07 -35.67 -11.22
N HIS A 62 13.32 -35.57 -10.78
CA HIS A 62 14.45 -35.32 -11.68
C HIS A 62 15.17 -36.59 -12.13
N LYS A 63 15.93 -36.48 -13.21
CA LYS A 63 16.67 -37.61 -13.76
C LYS A 63 17.96 -37.90 -12.98
N GLU A 64 19.09 -37.39 -13.48
CA GLU A 64 20.40 -37.59 -12.86
C GLU A 64 20.41 -37.41 -11.35
N SER A 65 20.01 -36.22 -10.88
CA SER A 65 19.96 -35.93 -9.46
C SER A 65 18.77 -36.64 -8.80
N GLY A 66 17.68 -36.75 -9.54
CA GLY A 66 16.50 -37.41 -9.02
C GLY A 66 15.87 -36.68 -7.85
N ASN A 67 15.62 -35.38 -8.01
CA ASN A 67 15.04 -34.59 -6.95
C ASN A 67 13.56 -34.32 -7.20
N HIS A 68 12.88 -33.83 -6.17
CA HIS A 68 11.46 -33.51 -6.27
C HIS A 68 11.24 -32.01 -6.39
N TYR A 69 10.39 -31.64 -7.34
CA TYR A 69 10.09 -30.23 -7.60
C TYR A 69 8.61 -30.05 -7.86
N ALA A 70 8.16 -28.80 -7.78
CA ALA A 70 6.77 -28.47 -8.03
C ALA A 70 6.70 -27.64 -9.31
N MET A 71 6.19 -28.26 -10.38
CA MET A 71 6.10 -27.59 -11.67
C MET A 71 4.72 -27.00 -11.96
N LYS A 72 4.68 -25.68 -12.15
CA LYS A 72 3.44 -24.99 -12.46
C LYS A 72 3.24 -25.01 -13.98
N ILE A 73 2.08 -25.52 -14.41
CA ILE A 73 1.77 -25.60 -15.82
C ILE A 73 0.96 -24.38 -16.24
N LEU A 74 1.57 -23.53 -17.06
CA LEU A 74 0.91 -22.33 -17.55
C LEU A 74 0.85 -22.36 -19.08
N ASP A 75 -0.27 -22.80 -19.62
CA ASP A 75 -0.46 -22.87 -21.06
C ASP A 75 -0.28 -21.48 -21.67
N LYS A 76 0.73 -21.35 -22.53
CA LYS A 76 1.03 -20.06 -23.19
C LYS A 76 -0.23 -19.36 -23.67
N GLN A 77 -1.18 -20.16 -24.14
CA GLN A 77 -2.45 -19.64 -24.66
C GLN A 77 -3.45 -19.34 -23.55
N LYS A 78 -3.47 -20.17 -22.52
CA LYS A 78 -4.36 -19.98 -21.37
C LYS A 78 -4.33 -18.52 -20.95
N VAL A 79 -3.16 -17.91 -21.06
CA VAL A 79 -2.95 -16.51 -20.70
C VAL A 79 -3.83 -15.61 -21.57
N VAL A 80 -3.45 -14.35 -21.64
CA VAL A 80 -4.18 -13.36 -22.42
C VAL A 80 -5.57 -12.97 -21.80
N LYS A 81 -6.20 -13.87 -21.04
CA LYS A 81 -7.54 -13.63 -20.53
C LYS A 81 -7.27 -13.10 -19.15
N LEU A 82 -8.11 -13.80 -18.37
CA LEU A 82 -7.98 -13.86 -16.92
C LEU A 82 -7.93 -12.38 -16.51
N LYS A 83 -7.08 -12.06 -15.55
CA LYS A 83 -6.90 -10.69 -15.06
C LYS A 83 -5.76 -9.87 -15.57
N GLN A 84 -4.70 -10.61 -15.90
CA GLN A 84 -3.46 -10.01 -16.38
C GLN A 84 -2.48 -11.08 -16.86
N ILE A 85 -1.52 -10.66 -17.68
CA ILE A 85 -0.50 -11.57 -18.22
C ILE A 85 0.90 -11.02 -17.94
N GLU A 86 0.96 -9.90 -17.23
CA GLU A 86 2.23 -9.29 -16.87
C GLU A 86 2.54 -9.59 -15.42
N HIS A 87 1.50 -9.58 -14.58
CA HIS A 87 1.65 -9.89 -13.16
C HIS A 87 2.28 -11.26 -13.03
N THR A 88 2.56 -11.88 -14.18
CA THR A 88 3.18 -13.19 -14.22
C THR A 88 4.53 -13.09 -14.92
N LEU A 89 4.54 -12.54 -16.14
CA LEU A 89 5.78 -12.39 -16.89
C LEU A 89 6.77 -11.63 -16.01
N ASN A 90 6.21 -10.84 -15.09
CA ASN A 90 6.98 -10.06 -14.13
C ASN A 90 7.30 -10.96 -12.92
N GLU A 91 6.30 -11.71 -12.49
CA GLU A 91 6.46 -12.62 -11.36
C GLU A 91 7.65 -13.55 -11.60
N LYS A 92 7.75 -14.04 -12.84
CA LYS A 92 8.82 -14.95 -13.20
C LYS A 92 10.19 -14.27 -13.12
N ARG A 93 10.26 -13.05 -13.61
CA ARG A 93 11.52 -12.31 -13.61
C ARG A 93 12.04 -12.06 -12.20
N ILE A 94 11.14 -11.99 -11.24
CA ILE A 94 11.54 -11.75 -9.87
C ILE A 94 12.00 -13.03 -9.19
N LEU A 95 11.16 -14.05 -9.23
CA LEU A 95 11.51 -15.33 -8.61
C LEU A 95 12.91 -15.76 -9.04
N GLN A 96 13.22 -15.56 -10.32
CA GLN A 96 14.51 -15.94 -10.88
C GLN A 96 15.69 -15.09 -10.42
N ALA A 97 15.42 -13.80 -10.16
CA ALA A 97 16.47 -12.89 -9.73
C ALA A 97 16.72 -12.87 -8.23
N VAL A 98 15.80 -13.42 -7.43
CA VAL A 98 15.97 -13.41 -5.97
C VAL A 98 16.50 -14.68 -5.30
N ASN A 99 17.16 -14.49 -4.16
CA ASN A 99 17.74 -15.61 -3.40
C ASN A 99 17.75 -15.38 -1.88
N PHE A 100 16.83 -16.03 -1.17
CA PHE A 100 16.76 -15.91 0.29
C PHE A 100 16.30 -17.23 0.91
N PRO A 101 16.80 -17.56 2.11
CA PRO A 101 16.45 -18.81 2.80
C PRO A 101 14.98 -19.05 3.12
N PHE A 102 14.21 -17.98 3.29
CA PHE A 102 12.80 -18.13 3.63
C PHE A 102 11.90 -17.78 2.47
N LEU A 103 12.44 -17.95 1.26
CA LEU A 103 11.72 -17.68 0.03
C LEU A 103 11.74 -18.92 -0.84
N VAL A 104 10.60 -19.24 -1.46
CA VAL A 104 10.53 -20.40 -2.35
C VAL A 104 11.46 -20.14 -3.51
N LYS A 105 11.85 -21.21 -4.21
CA LYS A 105 12.79 -21.05 -5.30
C LYS A 105 12.34 -21.46 -6.69
N LEU A 106 12.68 -20.64 -7.68
CA LEU A 106 12.38 -20.97 -9.06
C LEU A 106 13.62 -21.78 -9.45
N GLU A 107 13.46 -23.09 -9.49
CA GLU A 107 14.58 -23.98 -9.82
C GLU A 107 14.88 -24.02 -11.30
N PHE A 108 13.86 -24.29 -12.10
CA PHE A 108 14.03 -24.36 -13.54
C PHE A 108 12.85 -23.72 -14.25
N SER A 109 13.16 -23.02 -15.34
CA SER A 109 12.15 -22.34 -16.14
C SER A 109 12.34 -22.69 -17.61
N PHE A 110 11.24 -22.92 -18.31
CA PHE A 110 11.31 -23.26 -19.73
C PHE A 110 9.94 -23.15 -20.40
N LYS A 111 9.97 -23.05 -21.73
CA LYS A 111 8.76 -22.92 -22.54
C LYS A 111 9.05 -23.18 -24.02
N ASP A 112 7.98 -23.40 -24.79
CA ASP A 112 8.04 -23.67 -26.23
C ASP A 112 6.71 -24.34 -26.61
N ASN A 113 5.85 -23.61 -27.31
CA ASN A 113 4.53 -24.13 -27.70
C ASN A 113 3.74 -24.68 -26.52
N SER A 114 4.45 -25.15 -25.49
CA SER A 114 3.80 -25.66 -24.29
C SER A 114 3.52 -24.32 -23.60
N ASN A 115 4.78 -23.89 -23.62
CA ASN A 115 5.29 -22.69 -22.97
C ASN A 115 5.01 -21.99 -21.63
N LEU A 116 6.00 -22.06 -20.75
CA LEU A 116 5.94 -21.45 -19.43
C LEU A 116 5.32 -22.39 -18.41
N TYR A 117 6.49 -22.94 -18.07
CA TYR A 117 6.58 -24.00 -17.08
C TYR A 117 7.50 -23.53 -15.96
N MET A 118 7.01 -23.58 -14.73
CA MET A 118 7.80 -23.15 -13.58
C MET A 118 8.19 -24.33 -12.70
N VAL A 119 9.49 -24.57 -12.56
CA VAL A 119 9.98 -25.67 -11.74
C VAL A 119 10.41 -25.17 -10.37
N MET A 120 9.41 -25.00 -9.50
CA MET A 120 9.61 -24.52 -8.14
C MET A 120 10.15 -25.59 -7.20
N GLU A 121 10.88 -25.17 -6.17
CA GLU A 121 11.41 -26.14 -5.22
C GLU A 121 10.22 -26.74 -4.50
N TYR A 122 10.43 -27.87 -3.87
CA TYR A 122 9.35 -28.55 -3.17
C TYR A 122 9.72 -28.94 -1.75
N VAL A 123 8.88 -28.52 -0.80
CA VAL A 123 9.09 -28.84 0.60
C VAL A 123 7.86 -29.59 1.07
N ALA A 124 8.02 -30.87 1.35
CA ALA A 124 6.92 -31.71 1.81
C ALA A 124 6.58 -31.37 3.25
N GLY A 125 5.98 -30.18 3.43
CA GLY A 125 5.62 -29.74 4.76
C GLY A 125 4.16 -29.35 4.91
N GLY A 126 3.88 -28.48 5.85
CA GLY A 126 2.51 -28.07 6.08
C GLY A 126 2.22 -26.60 5.88
N GLU A 127 0.95 -26.29 5.70
CA GLU A 127 0.51 -24.92 5.50
C GLU A 127 0.43 -24.16 6.82
N MET A 128 0.76 -22.89 6.79
CA MET A 128 0.70 -22.04 7.98
C MET A 128 -0.75 -21.82 8.41
N PHE A 129 -1.63 -21.64 7.43
CA PHE A 129 -3.04 -21.40 7.69
C PHE A 129 -3.69 -22.59 8.42
N SER A 130 -3.41 -23.80 7.99
CA SER A 130 -3.98 -25.00 8.62
C SER A 130 -3.47 -25.19 10.04
N HIS A 131 -2.17 -24.99 10.25
CA HIS A 131 -1.59 -25.13 11.56
C HIS A 131 -2.16 -24.11 12.55
N LEU A 132 -2.14 -22.84 12.17
CA LEU A 132 -2.65 -21.78 13.04
C LEU A 132 -4.11 -21.95 13.41
N ARG A 133 -4.93 -22.28 12.41
CA ARG A 133 -6.35 -22.47 12.67
C ARG A 133 -6.64 -23.66 13.61
N ARG A 134 -5.90 -24.76 13.44
CA ARG A 134 -6.11 -25.92 14.29
C ARG A 134 -5.88 -25.59 15.76
N ILE A 135 -4.65 -25.19 16.09
CA ILE A 135 -4.33 -24.86 17.46
C ILE A 135 -4.88 -23.54 17.97
N GLY A 136 -5.60 -22.80 17.11
CA GLY A 136 -6.18 -21.54 17.54
C GLY A 136 -5.21 -20.36 17.47
N ARG A 137 -4.18 -20.38 18.30
CA ARG A 137 -3.18 -19.32 18.30
C ARG A 137 -1.84 -19.81 18.82
N PHE A 138 -0.78 -19.14 18.40
CA PHE A 138 0.58 -19.47 18.81
C PHE A 138 0.95 -18.73 20.07
N SER A 139 1.88 -19.29 20.81
CA SER A 139 2.35 -18.61 22.01
C SER A 139 3.21 -17.47 21.46
N GLU A 140 3.40 -16.42 22.24
CA GLU A 140 4.18 -15.29 21.79
C GLU A 140 5.60 -15.68 21.37
N PRO A 141 6.26 -16.60 22.10
CA PRO A 141 7.61 -16.98 21.70
C PRO A 141 7.60 -17.62 20.31
N HIS A 142 6.63 -18.51 20.09
CA HIS A 142 6.50 -19.18 18.81
C HIS A 142 6.15 -18.20 17.70
N ALA A 143 5.31 -17.23 18.03
CA ALA A 143 4.91 -16.22 17.06
C ALA A 143 6.13 -15.36 16.69
N ARG A 144 6.91 -15.02 17.71
CA ARG A 144 8.09 -14.21 17.50
C ARG A 144 9.06 -14.95 16.59
N PHE A 145 9.09 -16.27 16.70
CA PHE A 145 9.97 -17.08 15.88
C PHE A 145 9.65 -16.92 14.39
N TYR A 146 8.37 -17.06 14.05
CA TYR A 146 7.97 -16.92 12.65
C TYR A 146 8.12 -15.47 12.19
N ALA A 147 7.75 -14.52 13.06
CA ALA A 147 7.83 -13.10 12.75
C ALA A 147 9.24 -12.70 12.33
N ALA A 148 10.22 -13.09 13.12
CA ALA A 148 11.60 -12.77 12.80
C ALA A 148 11.91 -13.15 11.35
N GLN A 149 11.50 -14.35 10.95
CA GLN A 149 11.75 -14.78 9.59
C GLN A 149 11.14 -13.86 8.55
N ILE A 150 9.98 -13.31 8.85
CA ILE A 150 9.34 -12.42 7.89
C ILE A 150 10.00 -11.04 7.89
N VAL A 151 10.47 -10.59 9.05
CA VAL A 151 11.13 -9.31 9.11
C VAL A 151 12.38 -9.36 8.22
N LEU A 152 13.18 -10.41 8.41
CA LEU A 152 14.41 -10.61 7.66
C LEU A 152 14.13 -10.70 6.17
N THR A 153 13.04 -11.37 5.81
CA THR A 153 12.70 -11.54 4.41
C THR A 153 12.32 -10.21 3.77
N PHE A 154 11.63 -9.38 4.54
CA PHE A 154 11.19 -8.08 4.04
C PHE A 154 12.36 -7.11 3.91
N GLU A 155 13.34 -7.25 4.80
CA GLU A 155 14.51 -6.39 4.76
C GLU A 155 15.27 -6.71 3.47
N TYR A 156 15.37 -8.00 3.17
CA TYR A 156 16.05 -8.45 1.98
C TYR A 156 15.34 -7.89 0.75
N LEU A 157 14.05 -8.18 0.64
CA LEU A 157 13.22 -7.73 -0.47
C LEU A 157 13.22 -6.24 -0.68
N HIS A 158 13.06 -5.49 0.41
CA HIS A 158 13.03 -4.03 0.30
C HIS A 158 14.41 -3.50 -0.10
N SER A 159 15.44 -4.26 0.23
CA SER A 159 16.80 -3.90 -0.13
C SER A 159 16.88 -3.90 -1.66
N LEU A 160 16.06 -4.73 -2.28
CA LEU A 160 16.03 -4.83 -3.74
C LEU A 160 14.88 -4.04 -4.34
N ASP A 161 14.23 -3.22 -3.52
CA ASP A 161 13.11 -2.39 -3.93
C ASP A 161 11.93 -3.19 -4.45
N LEU A 162 11.71 -4.33 -3.79
CA LEU A 162 10.63 -5.25 -4.14
C LEU A 162 9.63 -5.32 -3.00
N ILE A 163 8.35 -5.21 -3.32
CA ILE A 163 7.34 -5.32 -2.29
C ILE A 163 6.53 -6.58 -2.54
N TYR A 164 6.26 -7.31 -1.45
CA TYR A 164 5.54 -8.57 -1.52
C TYR A 164 4.05 -8.33 -1.75
N ARG A 165 3.42 -7.55 -0.87
CA ARG A 165 2.02 -7.18 -1.00
C ARG A 165 0.95 -8.25 -0.83
N ASP A 166 1.27 -9.41 -0.27
CA ASP A 166 0.21 -10.40 -0.11
C ASP A 166 0.47 -11.28 1.09
N LEU A 167 1.06 -10.68 2.13
CA LEU A 167 1.38 -11.40 3.34
C LEU A 167 0.11 -11.93 3.97
N LYS A 168 0.15 -13.19 4.37
CA LYS A 168 -0.97 -13.83 5.05
C LYS A 168 -0.68 -15.29 5.31
N PRO A 169 -1.25 -15.85 6.39
CA PRO A 169 -1.04 -17.26 6.75
C PRO A 169 -1.15 -18.16 5.52
N GLU A 170 -2.15 -17.88 4.67
CA GLU A 170 -2.37 -18.65 3.45
C GLU A 170 -1.18 -18.71 2.49
N ASN A 171 -0.32 -17.68 2.50
CA ASN A 171 0.84 -17.67 1.62
C ASN A 171 2.14 -18.11 2.29
N LEU A 172 2.03 -18.71 3.48
CA LEU A 172 3.21 -19.15 4.20
C LEU A 172 3.21 -20.66 4.43
N LEU A 173 4.34 -21.28 4.11
CA LEU A 173 4.51 -22.71 4.27
C LEU A 173 5.54 -22.99 5.36
N ILE A 174 5.30 -24.07 6.10
CA ILE A 174 6.19 -24.50 7.14
C ILE A 174 6.95 -25.70 6.57
N ASP A 175 8.26 -25.56 6.35
CA ASP A 175 9.02 -26.67 5.79
C ASP A 175 9.33 -27.75 6.82
N GLN A 176 9.92 -28.84 6.36
CA GLN A 176 10.24 -29.96 7.21
C GLN A 176 11.23 -29.62 8.33
N GLN A 177 11.89 -28.47 8.22
CA GLN A 177 12.83 -28.02 9.26
C GLN A 177 12.06 -27.16 10.26
N GLY A 178 10.79 -26.91 9.96
CA GLY A 178 9.96 -26.10 10.82
C GLY A 178 10.07 -24.60 10.61
N TYR A 179 10.80 -24.20 9.56
CA TYR A 179 10.99 -22.79 9.23
C TYR A 179 10.03 -22.36 8.14
N ILE A 180 9.77 -21.06 8.09
CA ILE A 180 8.86 -20.52 7.09
C ILE A 180 9.45 -20.48 5.69
N GLN A 181 8.58 -20.63 4.70
CA GLN A 181 8.99 -20.57 3.31
C GLN A 181 7.84 -19.79 2.65
N VAL A 182 8.13 -18.61 2.13
CA VAL A 182 7.11 -17.76 1.50
C VAL A 182 6.79 -18.13 0.05
N THR A 183 5.50 -18.22 -0.27
CA THR A 183 5.06 -18.59 -1.62
C THR A 183 4.11 -17.58 -2.25
N ASP A 184 3.92 -17.73 -3.56
CA ASP A 184 3.02 -16.89 -4.34
C ASP A 184 3.41 -15.42 -4.46
N PHE A 185 4.15 -15.10 -5.51
CA PHE A 185 4.60 -13.73 -5.76
C PHE A 185 3.69 -13.06 -6.78
N GLY A 186 2.42 -13.44 -6.76
CA GLY A 186 1.45 -12.88 -7.68
C GLY A 186 1.42 -11.37 -7.67
N PHE A 187 1.61 -10.75 -6.51
CA PHE A 187 1.58 -9.30 -6.43
C PHE A 187 2.92 -8.64 -6.23
N ALA A 188 3.98 -9.45 -6.17
CA ALA A 188 5.33 -8.93 -6.00
C ALA A 188 5.68 -7.96 -7.13
N LYS A 189 6.29 -6.83 -6.78
CA LYS A 189 6.62 -5.84 -7.79
C LYS A 189 7.80 -4.99 -7.37
N ARG A 190 8.70 -4.71 -8.32
CA ARG A 190 9.86 -3.88 -8.04
C ARG A 190 9.42 -2.44 -8.23
N VAL A 191 9.45 -1.68 -7.15
CA VAL A 191 9.05 -0.29 -7.19
C VAL A 191 9.96 0.64 -6.41
N LYS A 192 10.53 1.59 -7.13
CA LYS A 192 11.38 2.61 -6.55
C LYS A 192 10.49 3.81 -6.84
N GLY A 193 9.90 4.38 -5.80
CA GLY A 193 8.98 5.49 -6.00
C GLY A 193 7.64 5.08 -5.40
N ARG A 194 6.57 5.20 -6.15
CA ARG A 194 5.26 4.83 -5.64
C ARG A 194 4.46 3.98 -6.63
N THR A 195 3.60 3.11 -6.12
CA THR A 195 2.79 2.28 -6.99
C THR A 195 1.32 2.41 -6.60
N TRP A 196 0.41 1.85 -7.41
CA TRP A 196 -1.00 2.07 -7.11
C TRP A 196 -2.02 0.95 -7.21
N TPO A 197 -1.66 -0.24 -7.63
CA TPO A 197 -2.69 -1.28 -7.74
CB TPO A 197 -2.15 -2.61 -8.31
CG2 TPO A 197 -3.31 -3.57 -8.60
OG1 TPO A 197 -1.44 -2.36 -9.53
P TPO A 197 0.18 -2.18 -9.52
O1P TPO A 197 0.52 -1.56 -8.17
O2P TPO A 197 0.46 -1.27 -10.70
O3P TPO A 197 0.79 -3.56 -9.70
C TPO A 197 -3.35 -1.64 -6.42
O TPO A 197 -2.66 -1.91 -5.43
N LEU A 198 -4.68 -1.64 -6.37
CA LEU A 198 -5.38 -2.01 -5.15
C LEU A 198 -5.42 -3.55 -5.14
N CYS A 199 -4.48 -4.18 -4.44
CA CYS A 199 -4.40 -5.63 -4.37
C CYS A 199 -3.91 -6.12 -3.01
N GLY A 200 -4.13 -7.41 -2.76
CA GLY A 200 -3.75 -8.04 -1.52
C GLY A 200 -4.91 -8.86 -1.00
N THR A 201 -5.05 -8.96 0.32
CA THR A 201 -6.16 -9.71 0.92
C THR A 201 -6.87 -8.71 1.83
N PRO A 202 -8.21 -8.62 1.74
CA PRO A 202 -9.03 -7.72 2.54
C PRO A 202 -8.51 -7.44 3.93
N GLU A 203 -8.44 -8.50 4.73
CA GLU A 203 -7.98 -8.45 6.11
C GLU A 203 -6.61 -7.79 6.30
N TYR A 204 -5.75 -7.94 5.30
CA TYR A 204 -4.39 -7.41 5.34
C TYR A 204 -4.05 -6.13 4.58
N LEU A 205 -5.05 -5.47 4.00
CA LEU A 205 -4.82 -4.24 3.24
C LEU A 205 -4.50 -3.03 4.10
N ALA A 206 -3.56 -2.21 3.61
CA ALA A 206 -3.15 -1.00 4.31
C ALA A 206 -4.09 0.16 4.00
N PRO A 207 -4.23 1.11 4.94
CA PRO A 207 -5.12 2.24 4.68
C PRO A 207 -4.80 2.91 3.34
N GLU A 208 -3.52 3.18 3.09
CA GLU A 208 -3.12 3.83 1.87
C GLU A 208 -3.53 3.09 0.60
N ILE A 209 -3.60 1.76 0.67
CA ILE A 209 -4.02 0.97 -0.50
C ILE A 209 -5.51 1.15 -0.73
N ILE A 210 -6.30 0.98 0.33
CA ILE A 210 -7.74 1.12 0.29
C ILE A 210 -8.17 2.48 -0.27
N LEU A 211 -7.42 3.52 0.10
CA LEU A 211 -7.71 4.90 -0.28
C LEU A 211 -6.97 5.44 -1.52
N SER A 212 -6.15 4.61 -2.15
CA SER A 212 -5.43 5.03 -3.36
C SER A 212 -4.56 6.27 -3.21
N LYS A 213 -3.79 6.34 -2.13
CA LYS A 213 -2.92 7.50 -1.92
C LYS A 213 -1.56 7.28 -2.59
N GLY A 214 -1.29 6.05 -2.99
CA GLY A 214 0.00 5.74 -3.56
C GLY A 214 0.79 5.09 -2.43
N TYR A 215 1.67 4.15 -2.74
CA TYR A 215 2.41 3.49 -1.68
C TYR A 215 3.62 2.69 -2.15
N ASN A 216 4.36 2.17 -1.19
CA ASN A 216 5.55 1.37 -1.48
C ASN A 216 5.85 0.36 -0.36
N LYS A 217 7.04 0.43 0.23
CA LYS A 217 7.42 -0.52 1.26
C LYS A 217 6.58 -0.56 2.55
N ALA A 218 6.00 0.58 2.92
CA ALA A 218 5.23 0.63 4.16
C ALA A 218 4.06 -0.34 4.30
N VAL A 219 3.45 -0.77 3.20
CA VAL A 219 2.33 -1.70 3.31
C VAL A 219 2.76 -3.07 3.80
N ASP A 220 3.96 -3.51 3.44
CA ASP A 220 4.42 -4.81 3.90
C ASP A 220 4.55 -4.84 5.41
N TRP A 221 5.02 -3.74 6.00
CA TRP A 221 5.18 -3.67 7.45
C TRP A 221 3.83 -3.64 8.14
N TRP A 222 2.86 -2.97 7.54
CA TRP A 222 1.54 -2.92 8.11
C TRP A 222 0.99 -4.37 8.13
N ALA A 223 1.11 -5.04 6.99
CA ALA A 223 0.68 -6.43 6.87
C ALA A 223 1.31 -7.32 7.95
N LEU A 224 2.59 -7.08 8.24
CA LEU A 224 3.32 -7.84 9.24
C LEU A 224 2.61 -7.65 10.60
N GLY A 225 2.20 -6.41 10.86
CA GLY A 225 1.50 -6.12 12.10
C GLY A 225 0.23 -6.93 12.18
N VAL A 226 -0.44 -7.05 11.04
CA VAL A 226 -1.68 -7.82 11.00
C VAL A 226 -1.34 -9.30 11.21
N LEU A 227 -0.32 -9.76 10.51
CA LEU A 227 0.14 -11.13 10.57
C LEU A 227 0.56 -11.51 11.99
N ILE A 228 1.27 -10.64 12.68
CA ILE A 228 1.72 -10.96 14.02
C ILE A 228 0.54 -11.01 14.98
N TYR A 229 -0.38 -10.07 14.81
CA TYR A 229 -1.56 -10.01 15.67
C TYR A 229 -2.37 -11.32 15.55
N GLU A 230 -2.68 -11.72 14.31
CA GLU A 230 -3.46 -12.91 14.08
C GLU A 230 -2.81 -14.18 14.64
N MET A 231 -1.49 -14.25 14.56
CA MET A 231 -0.79 -15.42 15.08
C MET A 231 -0.95 -15.52 16.60
N ALA A 232 -0.84 -14.38 17.29
CA ALA A 232 -0.94 -14.37 18.74
C ALA A 232 -2.36 -14.27 19.29
N ALA A 233 -3.33 -14.05 18.41
CA ALA A 233 -4.70 -13.91 18.85
C ALA A 233 -5.58 -15.01 18.26
N GLY A 234 -5.26 -15.41 17.03
CA GLY A 234 -6.02 -16.44 16.37
C GLY A 234 -6.91 -15.83 15.30
N TYR A 235 -7.09 -14.51 15.40
CA TYR A 235 -7.92 -13.78 14.45
C TYR A 235 -7.29 -12.42 14.14
N PRO A 236 -7.53 -11.88 12.93
CA PRO A 236 -7.00 -10.60 12.50
C PRO A 236 -7.62 -9.40 13.24
N PRO A 237 -6.82 -8.33 13.49
CA PRO A 237 -7.21 -7.10 14.19
C PRO A 237 -8.40 -6.30 13.66
N PHE A 238 -8.67 -6.39 12.36
CA PHE A 238 -9.80 -5.67 11.80
C PHE A 238 -10.83 -6.60 11.18
N PHE A 239 -11.12 -7.69 11.86
CA PHE A 239 -12.09 -8.65 11.34
C PHE A 239 -13.53 -8.14 11.38
N ALA A 240 -14.33 -8.64 10.44
CA ALA A 240 -15.74 -8.29 10.32
C ALA A 240 -16.37 -9.21 9.29
N ASP A 241 -17.69 -9.35 9.33
CA ASP A 241 -18.38 -10.19 8.38
C ASP A 241 -18.48 -9.53 7.00
N GLN A 242 -18.58 -8.19 6.97
CA GLN A 242 -18.67 -7.49 5.70
C GLN A 242 -17.39 -6.73 5.34
N PRO A 243 -16.87 -6.97 4.12
CA PRO A 243 -15.64 -6.33 3.62
C PRO A 243 -15.60 -4.83 3.87
N ILE A 244 -16.75 -4.18 3.67
CA ILE A 244 -16.86 -2.73 3.88
C ILE A 244 -16.46 -2.36 5.30
N GLN A 245 -17.02 -3.08 6.28
CA GLN A 245 -16.70 -2.79 7.68
C GLN A 245 -15.22 -3.03 7.98
N ILE A 246 -14.65 -4.06 7.38
CA ILE A 246 -13.24 -4.36 7.59
C ILE A 246 -12.43 -3.11 7.22
N TYR A 247 -12.70 -2.56 6.04
CA TYR A 247 -11.98 -1.39 5.58
C TYR A 247 -12.20 -0.15 6.43
N GLU A 248 -13.43 0.06 6.89
CA GLU A 248 -13.69 1.22 7.70
C GLU A 248 -12.92 1.11 9.02
N LYS A 249 -12.76 -0.12 9.52
CA LYS A 249 -12.03 -0.33 10.75
C LYS A 249 -10.55 -0.07 10.45
N ILE A 250 -10.09 -0.65 9.35
CA ILE A 250 -8.70 -0.46 8.93
C ILE A 250 -8.38 1.03 8.85
N VAL A 251 -9.25 1.80 8.21
CA VAL A 251 -9.02 3.24 8.07
C VAL A 251 -9.02 4.01 9.39
N SER A 252 -9.82 3.55 10.35
CA SER A 252 -9.89 4.23 11.65
C SER A 252 -8.68 3.91 12.50
N GLY A 253 -7.98 2.83 12.15
CA GLY A 253 -6.79 2.42 12.89
C GLY A 253 -7.00 1.93 14.32
N LYS A 254 -8.23 2.06 14.84
CA LYS A 254 -8.51 1.65 16.21
C LYS A 254 -8.43 0.13 16.36
N VAL A 255 -7.61 -0.31 17.31
CA VAL A 255 -7.41 -1.73 17.56
C VAL A 255 -7.62 -2.09 19.03
N ARG A 256 -8.25 -3.24 19.26
CA ARG A 256 -8.50 -3.74 20.60
C ARG A 256 -7.70 -5.05 20.75
N PHE A 257 -6.81 -5.09 21.74
CA PHE A 257 -5.96 -6.26 21.98
C PHE A 257 -6.50 -7.23 23.03
N PRO A 258 -6.30 -8.53 22.80
CA PRO A 258 -6.78 -9.51 23.77
C PRO A 258 -6.13 -9.25 25.12
N SER A 259 -6.76 -9.76 26.17
CA SER A 259 -6.28 -9.61 27.53
C SER A 259 -4.87 -10.19 27.73
N HIS A 260 -4.67 -11.37 27.14
CA HIS A 260 -3.40 -12.09 27.27
C HIS A 260 -2.19 -11.54 26.55
N PHE A 261 -2.39 -10.56 25.66
CA PHE A 261 -1.26 -9.94 24.94
C PHE A 261 -0.33 -9.22 25.92
N SER A 262 0.96 -9.46 25.80
CA SER A 262 1.93 -8.82 26.69
C SER A 262 2.12 -7.36 26.32
N SER A 263 2.75 -6.59 27.20
CA SER A 263 2.97 -5.16 26.94
C SER A 263 3.86 -4.93 25.73
N ASP A 264 5.01 -5.58 25.71
CA ASP A 264 5.92 -5.41 24.61
C ASP A 264 5.26 -5.69 23.27
N LEU A 265 4.35 -6.66 23.27
CA LEU A 265 3.67 -7.02 22.03
C LEU A 265 2.73 -5.91 21.61
N LYS A 266 1.90 -5.47 22.54
CA LYS A 266 0.95 -4.41 22.25
C LYS A 266 1.68 -3.19 21.71
N ASP A 267 2.77 -2.82 22.37
CA ASP A 267 3.51 -1.67 21.89
C ASP A 267 4.01 -1.86 20.47
N LEU A 268 4.65 -3.00 20.20
CA LEU A 268 5.16 -3.27 18.87
C LEU A 268 4.03 -3.17 17.85
N LEU A 269 2.91 -3.79 18.17
CA LEU A 269 1.76 -3.78 17.27
C LEU A 269 1.14 -2.40 17.08
N ARG A 270 1.19 -1.53 18.09
CA ARG A 270 0.61 -0.21 17.92
C ARG A 270 1.46 0.57 16.91
N ASN A 271 2.74 0.22 16.84
CA ASN A 271 3.68 0.85 15.95
C ASN A 271 3.69 0.28 14.54
N LEU A 272 3.21 -0.96 14.39
CA LEU A 272 3.16 -1.57 13.07
C LEU A 272 1.84 -1.22 12.44
N LEU A 273 0.79 -1.21 13.25
CA LEU A 273 -0.53 -0.88 12.76
C LEU A 273 -0.82 0.61 12.94
N GLN A 274 0.09 1.42 12.42
CA GLN A 274 -0.01 2.87 12.47
C GLN A 274 -0.63 3.40 11.17
N VAL A 275 -1.79 4.04 11.24
CA VAL A 275 -2.38 4.59 10.02
C VAL A 275 -1.51 5.79 9.58
N ASP A 276 -0.86 6.40 10.56
CA ASP A 276 0.01 7.55 10.37
C ASP A 276 1.41 7.11 9.93
N LEU A 277 1.72 7.34 8.66
CA LEU A 277 3.01 6.96 8.10
C LEU A 277 4.20 7.61 8.76
N THR A 278 3.98 8.72 9.47
CA THR A 278 5.10 9.38 10.14
C THR A 278 5.45 8.65 11.42
N LYS A 279 4.61 7.70 11.82
CA LYS A 279 4.82 6.93 13.04
C LYS A 279 4.93 5.43 12.87
N ARG A 280 4.82 4.94 11.64
CA ARG A 280 4.87 3.49 11.42
C ARG A 280 6.28 2.87 11.37
N PHE A 281 6.47 1.84 12.18
CA PHE A 281 7.75 1.13 12.23
C PHE A 281 8.12 0.53 10.88
N GLY A 282 9.37 0.75 10.49
CA GLY A 282 9.85 0.26 9.22
C GLY A 282 9.93 1.43 8.26
N ASN A 283 9.02 2.39 8.42
CA ASN A 283 8.96 3.54 7.54
C ASN A 283 9.71 4.75 8.07
N LEU A 284 10.16 4.67 9.31
CA LEU A 284 10.87 5.78 9.91
C LEU A 284 12.36 5.78 9.62
N LYS A 285 13.03 6.79 10.16
CA LYS A 285 14.46 7.02 10.02
C LYS A 285 15.32 5.74 10.05
N ASN A 286 15.13 4.89 11.05
CA ASN A 286 15.93 3.67 11.15
C ASN A 286 15.44 2.47 10.36
N GLY A 287 14.30 2.61 9.71
CA GLY A 287 13.76 1.50 8.94
C GLY A 287 13.46 0.26 9.75
N VAL A 288 13.96 -0.88 9.27
CA VAL A 288 13.72 -2.18 9.90
C VAL A 288 14.36 -2.41 11.27
N ASN A 289 15.25 -1.52 11.69
CA ASN A 289 15.86 -1.69 12.99
C ASN A 289 14.94 -1.26 14.12
N ASP A 290 14.02 -0.36 13.81
CA ASP A 290 13.06 0.06 14.82
C ASP A 290 12.29 -1.21 15.24
N ILE A 291 12.17 -2.14 14.32
CA ILE A 291 11.50 -3.41 14.56
C ILE A 291 12.45 -4.41 15.20
N LYS A 292 13.62 -4.60 14.60
CA LYS A 292 14.60 -5.53 15.13
C LYS A 292 15.06 -5.24 16.56
N ASN A 293 15.02 -3.97 16.93
CA ASN A 293 15.48 -3.57 18.26
C ASN A 293 14.35 -3.37 19.24
N HIS A 294 13.15 -3.76 18.85
CA HIS A 294 12.02 -3.59 19.75
C HIS A 294 12.09 -4.60 20.89
N LYS A 295 11.68 -4.17 22.09
CA LYS A 295 11.68 -5.02 23.28
C LYS A 295 11.03 -6.39 23.06
N TRP A 296 10.09 -6.48 22.13
CA TRP A 296 9.44 -7.77 21.92
C TRP A 296 10.38 -8.74 21.26
N PHE A 297 11.34 -8.23 20.48
CA PHE A 297 12.31 -9.08 19.79
C PHE A 297 13.65 -9.19 20.47
N ALA A 298 13.73 -8.72 21.71
CA ALA A 298 14.98 -8.76 22.48
C ALA A 298 15.62 -10.15 22.62
N THR A 299 14.81 -11.18 22.78
CA THR A 299 15.36 -12.52 22.93
C THR A 299 15.55 -13.19 21.58
N THR A 300 15.61 -12.39 20.53
CA THR A 300 15.76 -12.94 19.19
C THR A 300 17.20 -12.87 18.69
N ASP A 301 17.70 -13.98 18.19
CA ASP A 301 19.05 -14.02 17.64
C ASP A 301 18.89 -14.04 16.13
N TRP A 302 18.87 -12.83 15.55
CA TRP A 302 18.69 -12.62 14.12
C TRP A 302 19.60 -13.43 13.21
N ILE A 303 20.86 -13.58 13.58
CA ILE A 303 21.77 -14.35 12.75
C ILE A 303 21.37 -15.82 12.81
N ALA A 304 21.06 -16.27 14.02
CA ALA A 304 20.66 -17.65 14.26
C ALA A 304 19.44 -18.01 13.43
N ILE A 305 18.44 -17.12 13.42
CA ILE A 305 17.22 -17.36 12.66
C ILE A 305 17.54 -17.43 11.18
N TYR A 306 18.47 -16.56 10.75
CA TYR A 306 18.87 -16.52 9.35
C TYR A 306 19.55 -17.81 8.91
N GLN A 307 20.41 -18.34 9.75
CA GLN A 307 21.12 -19.58 9.44
C GLN A 307 20.27 -20.80 9.77
N ARG A 308 19.05 -20.55 10.19
CA ARG A 308 18.11 -21.62 10.52
C ARG A 308 18.68 -22.56 11.57
N LYS A 309 19.42 -22.00 12.52
CA LYS A 309 20.03 -22.80 13.57
C LYS A 309 19.14 -22.92 14.81
N VAL A 310 18.14 -22.04 14.92
CA VAL A 310 17.24 -22.08 16.05
C VAL A 310 16.30 -23.26 15.90
N GLU A 311 15.84 -23.82 17.02
CA GLU A 311 14.93 -24.97 16.97
C GLU A 311 13.48 -24.50 16.84
N ALA A 312 12.88 -24.78 15.70
CA ALA A 312 11.49 -24.42 15.44
C ALA A 312 10.63 -25.10 16.47
N PRO A 313 9.47 -24.51 16.79
CA PRO A 313 8.56 -25.08 17.79
C PRO A 313 7.58 -26.10 17.22
N PHE A 314 7.62 -26.32 15.91
CA PHE A 314 6.69 -27.27 15.31
C PHE A 314 7.17 -27.87 14.01
N ILE A 315 7.34 -29.19 13.99
CA ILE A 315 7.78 -29.87 12.79
C ILE A 315 6.51 -30.43 12.16
N PRO A 316 6.18 -29.99 10.95
CA PRO A 316 4.98 -30.45 10.26
C PRO A 316 4.99 -31.90 9.83
N LYS A 317 3.82 -32.36 9.44
CA LYS A 317 3.61 -33.72 8.98
C LYS A 317 4.30 -33.92 7.62
N PHE A 318 4.85 -35.12 7.42
CA PHE A 318 5.51 -35.45 6.16
C PHE A 318 5.85 -36.93 6.02
N GLU A 332 -5.46 -36.98 -11.88
CA GLU A 332 -4.24 -36.85 -12.67
C GLU A 332 -4.53 -37.07 -14.15
N GLU A 333 -3.55 -36.74 -15.00
CA GLU A 333 -3.69 -36.91 -16.45
C GLU A 333 -2.31 -36.89 -17.11
N GLU A 334 -2.29 -36.66 -18.43
CA GLU A 334 -1.06 -36.62 -19.20
C GLU A 334 -1.18 -35.65 -20.39
N ILE A 335 -0.87 -34.37 -20.14
CA ILE A 335 -0.95 -33.35 -21.20
C ILE A 335 0.23 -33.44 -22.17
N ARG A 336 0.12 -32.72 -23.29
CA ARG A 336 1.15 -32.71 -24.31
C ARG A 336 1.20 -31.36 -25.04
N VAL A 337 2.33 -31.11 -25.71
CA VAL A 337 2.52 -29.87 -26.46
C VAL A 337 1.57 -29.72 -27.63
N SEP A 338 1.94 -28.85 -28.56
CA SEP A 338 1.16 -28.58 -29.76
CB SEP A 338 0.71 -27.12 -29.79
OG SEP A 338 0.78 -26.57 -31.10
C SEP A 338 2.05 -28.86 -30.97
O SEP A 338 1.66 -28.64 -32.12
P SEP A 338 -0.57 -26.20 -31.93
O1P SEP A 338 -1.31 -25.17 -31.09
O2P SEP A 338 -1.34 -27.50 -32.07
O3P SEP A 338 -0.10 -25.63 -33.26
N ILE A 339 3.26 -29.35 -30.69
CA ILE A 339 4.24 -29.66 -31.73
C ILE A 339 4.54 -28.38 -32.51
N ASN A 340 4.05 -27.27 -31.99
CA ASN A 340 4.23 -25.96 -32.60
C ASN A 340 4.11 -24.86 -31.55
N GLU A 341 5.04 -23.90 -31.60
CA GLU A 341 5.05 -22.79 -30.65
C GLU A 341 4.04 -21.71 -31.04
N LYS A 342 3.14 -21.41 -30.12
CA LYS A 342 2.10 -20.41 -30.36
C LYS A 342 2.43 -19.00 -29.85
N CYS A 343 1.80 -18.62 -28.75
CA CYS A 343 1.97 -17.30 -28.14
C CYS A 343 3.42 -16.88 -27.88
N GLY A 344 4.37 -17.53 -28.55
CA GLY A 344 5.77 -17.20 -28.36
C GLY A 344 6.14 -15.90 -29.06
N LYS A 345 5.15 -15.26 -29.66
CA LYS A 345 5.35 -14.00 -30.37
C LYS A 345 5.11 -12.83 -29.43
N GLU A 346 5.33 -13.07 -28.13
CA GLU A 346 5.12 -12.06 -27.11
C GLU A 346 5.74 -12.48 -25.78
N PHE A 347 5.64 -13.77 -25.47
CA PHE A 347 6.22 -14.29 -24.24
C PHE A 347 7.69 -14.58 -24.45
N THR A 348 8.29 -13.86 -25.39
CA THR A 348 9.70 -14.00 -25.72
C THR A 348 10.47 -13.98 -24.41
N GLU A 349 10.43 -12.83 -23.74
CA GLU A 349 11.12 -12.64 -22.47
C GLU A 349 10.57 -13.61 -21.44
N PHE A 350 11.31 -14.68 -21.20
CA PHE A 350 10.92 -15.69 -20.24
C PHE A 350 12.01 -16.74 -20.13
N THR B 1 -11.67 -20.11 7.25
CA THR B 1 -11.71 -20.34 5.78
C THR B 1 -10.62 -19.54 5.08
N ARG B 2 -9.87 -20.20 4.21
CA ARG B 2 -8.80 -19.52 3.48
C ARG B 2 -9.34 -18.27 2.79
N ARG B 3 -8.69 -17.14 3.06
CA ARG B 3 -9.10 -15.87 2.48
C ARG B 3 -8.41 -15.68 1.14
N VAL B 4 -9.20 -15.41 0.09
CA VAL B 4 -8.63 -15.21 -1.24
C VAL B 4 -8.23 -13.78 -1.46
N SER B 5 -7.23 -13.59 -2.31
CA SER B 5 -6.73 -12.26 -2.63
C SER B 5 -7.73 -11.55 -3.52
N VAL B 6 -7.63 -10.23 -3.54
CA VAL B 6 -8.47 -9.40 -4.38
C VAL B 6 -7.50 -8.55 -5.20
N CYS B 7 -7.98 -8.00 -6.31
CA CYS B 7 -7.13 -7.18 -7.14
C CYS B 7 -7.98 -6.34 -8.09
N ALA B 8 -7.70 -5.05 -8.15
CA ALA B 8 -8.44 -4.18 -9.03
C ALA B 8 -7.69 -4.18 -10.35
N GLU B 9 -8.26 -3.51 -11.35
CA GLU B 9 -7.61 -3.44 -12.65
C GLU B 9 -6.45 -2.47 -12.54
N THR B 10 -5.32 -2.84 -13.13
CA THR B 10 -4.13 -2.02 -13.09
C THR B 10 -4.29 -0.80 -13.99
N PHE B 11 -3.43 0.18 -13.78
CA PHE B 11 -3.49 1.41 -14.55
C PHE B 11 -2.20 2.23 -14.40
N ASN B 12 -1.73 2.79 -15.52
CA ASN B 12 -0.53 3.63 -15.55
C ASN B 12 -0.92 4.92 -14.83
N PRO B 13 -0.53 5.06 -13.55
CA PRO B 13 -0.84 6.25 -12.76
C PRO B 13 -0.39 7.53 -13.41
N ASP B 14 0.88 7.56 -13.81
CA ASP B 14 1.45 8.74 -14.46
C ASP B 14 0.61 9.12 -15.66
N GLU B 15 0.08 10.34 -15.65
CA GLU B 15 -0.78 10.85 -16.71
C GLU B 15 -0.34 10.54 -18.14
N GLU B 16 -1.14 9.74 -18.83
CA GLU B 16 -0.87 9.36 -20.22
C GLU B 16 -0.69 10.64 -21.05
N GLU B 17 -1.78 11.38 -21.24
CA GLU B 17 -1.74 12.65 -22.00
C GLU B 17 -3.21 13.00 -22.31
N GLU B 18 -3.75 13.96 -21.53
CA GLU B 18 -5.14 14.44 -21.67
C GLU B 18 -5.68 13.91 -22.99
N ASP B 19 -6.61 12.95 -22.93
CA ASP B 19 -7.23 12.34 -24.13
C ASP B 19 -8.44 11.47 -23.71
N VAL B 24 -15.89 11.97 -20.21
CA VAL B 24 -17.04 11.78 -19.33
C VAL B 24 -17.82 13.07 -19.12
N VAL B 25 -18.93 13.20 -19.84
CA VAL B 25 -19.79 14.38 -19.75
C VAL B 25 -21.23 14.02 -19.42
N HIS B 26 -21.62 14.25 -18.18
CA HIS B 26 -22.97 13.96 -17.72
C HIS B 26 -23.50 15.14 -16.93
N PRO B 27 -24.36 15.95 -17.56
CA PRO B 27 -25.00 17.15 -17.02
C PRO B 27 -25.68 16.97 -15.67
N LYS B 28 -25.55 18.00 -14.83
CA LYS B 28 -26.15 18.00 -13.49
C LYS B 28 -26.38 19.41 -12.96
N THR B 29 -27.58 19.65 -12.46
CA THR B 29 -27.97 20.94 -11.91
C THR B 29 -27.33 21.14 -10.55
N ASP B 30 -27.34 22.37 -10.05
CA ASP B 30 -26.75 22.66 -8.76
C ASP B 30 -27.41 21.82 -7.67
N GLU B 31 -28.74 21.77 -7.66
CA GLU B 31 -29.43 20.99 -6.65
C GLU B 31 -29.07 19.52 -6.72
N GLN B 32 -29.04 18.95 -7.92
CA GLN B 32 -28.68 17.56 -8.06
C GLN B 32 -27.28 17.29 -7.53
N ARG B 33 -26.30 18.06 -8.00
CA ARG B 33 -24.91 17.89 -7.56
C ARG B 33 -24.76 18.09 -6.07
N CYS B 34 -25.42 19.10 -5.56
CA CYS B 34 -25.38 19.42 -4.14
C CYS B 34 -25.92 18.23 -3.35
N ARG B 35 -26.95 17.59 -3.89
CA ARG B 35 -27.58 16.43 -3.25
C ARG B 35 -26.68 15.21 -3.33
N LEU B 36 -25.92 15.10 -4.41
CA LEU B 36 -25.00 14.00 -4.56
C LEU B 36 -23.91 14.13 -3.52
N GLN B 37 -23.42 15.36 -3.31
CA GLN B 37 -22.38 15.56 -2.32
C GLN B 37 -22.86 15.08 -0.96
N GLU B 38 -24.06 15.51 -0.56
CA GLU B 38 -24.63 15.13 0.71
C GLU B 38 -24.71 13.61 0.86
N ALA B 39 -25.23 12.96 -0.17
CA ALA B 39 -25.37 11.51 -0.15
C ALA B 39 -24.03 10.80 -0.02
N CYS B 40 -22.94 11.49 -0.36
CA CYS B 40 -21.62 10.88 -0.31
C CYS B 40 -20.72 11.24 0.88
N LYS B 41 -21.14 12.18 1.71
CA LYS B 41 -20.34 12.59 2.87
C LYS B 41 -19.72 11.46 3.69
N ASP B 42 -20.53 10.49 4.07
CA ASP B 42 -20.06 9.40 4.92
C ASP B 42 -19.39 8.19 4.26
N ILE B 43 -19.52 8.04 2.94
CA ILE B 43 -18.89 6.91 2.24
C ILE B 43 -17.36 7.03 2.42
N LEU B 44 -16.71 6.02 2.99
CA LEU B 44 -15.27 6.13 3.24
C LEU B 44 -14.37 6.50 2.09
N LEU B 45 -14.69 6.02 0.90
CA LEU B 45 -13.85 6.31 -0.26
C LEU B 45 -13.97 7.76 -0.69
N PHE B 46 -15.11 8.38 -0.36
CA PHE B 46 -15.39 9.77 -0.69
C PHE B 46 -15.11 10.69 0.47
N LYS B 47 -15.46 10.21 1.67
CA LYS B 47 -15.30 10.92 2.94
C LYS B 47 -14.18 11.97 3.05
N ASN B 48 -12.95 11.61 2.68
CA ASN B 48 -11.85 12.55 2.79
C ASN B 48 -11.13 12.92 1.49
N LEU B 49 -11.90 13.04 0.40
CA LEU B 49 -11.36 13.42 -0.90
C LEU B 49 -11.37 14.93 -0.96
N ASP B 50 -10.39 15.52 -1.63
CA ASP B 50 -10.34 16.97 -1.72
C ASP B 50 -11.44 17.50 -2.62
N GLN B 51 -11.61 18.82 -2.59
CA GLN B 51 -12.62 19.51 -3.37
C GLN B 51 -12.62 19.12 -4.85
N GLU B 52 -11.45 19.21 -5.48
CA GLU B 52 -11.28 18.90 -6.89
C GLU B 52 -11.68 17.48 -7.29
N GLN B 53 -11.11 16.48 -6.63
CA GLN B 53 -11.41 15.09 -6.95
C GLN B 53 -12.90 14.80 -6.81
N LEU B 54 -13.52 15.35 -5.76
CA LEU B 54 -14.94 15.13 -5.56
C LEU B 54 -15.74 15.65 -6.74
N SER B 55 -15.31 16.80 -7.28
CA SER B 55 -15.96 17.43 -8.41
C SER B 55 -15.81 16.57 -9.66
N GLN B 56 -14.58 16.15 -9.93
CA GLN B 56 -14.32 15.32 -11.09
C GLN B 56 -15.11 14.03 -10.98
N VAL B 57 -15.23 13.51 -9.77
CA VAL B 57 -15.96 12.27 -9.56
C VAL B 57 -17.45 12.46 -9.82
N LEU B 58 -18.04 13.52 -9.29
CA LEU B 58 -19.45 13.75 -9.52
C LEU B 58 -19.69 14.00 -11.01
N ASP B 59 -18.73 14.66 -11.66
CA ASP B 59 -18.84 14.93 -13.09
C ASP B 59 -19.00 13.61 -13.82
N ALA B 60 -18.18 12.63 -13.41
CA ALA B 60 -18.19 11.31 -14.02
C ALA B 60 -19.43 10.46 -13.77
N MET B 61 -20.26 10.85 -12.80
CA MET B 61 -21.44 10.06 -12.52
C MET B 61 -22.53 10.19 -13.58
N PHE B 62 -22.84 9.07 -14.22
CA PHE B 62 -23.85 9.01 -15.27
C PHE B 62 -25.22 8.69 -14.70
N GLU B 63 -26.26 9.15 -15.38
CA GLU B 63 -27.61 8.88 -14.91
C GLU B 63 -28.13 7.56 -15.45
N LYS B 64 -28.94 6.90 -14.64
CA LYS B 64 -29.54 5.63 -15.01
C LYS B 64 -31.02 5.69 -14.64
N ILE B 65 -31.87 5.66 -15.66
CA ILE B 65 -33.30 5.71 -15.44
C ILE B 65 -33.78 4.29 -15.24
N VAL B 66 -34.72 4.11 -14.32
CA VAL B 66 -35.26 2.79 -14.03
C VAL B 66 -36.79 2.79 -14.02
N LYS B 67 -37.38 1.78 -14.63
CA LYS B 67 -38.82 1.67 -14.65
C LYS B 67 -39.21 0.75 -13.52
N THR B 68 -40.40 0.93 -12.98
CA THR B 68 -40.87 0.12 -11.86
C THR B 68 -40.77 -1.36 -12.17
N ASP B 69 -40.44 -2.16 -11.16
CA ASP B 69 -40.30 -3.60 -11.28
C ASP B 69 -38.94 -4.05 -11.80
N GLU B 70 -38.10 -3.10 -12.16
CA GLU B 70 -36.78 -3.40 -12.68
C GLU B 70 -35.74 -3.70 -11.58
N HIS B 71 -34.81 -4.62 -11.87
CA HIS B 71 -33.77 -4.96 -10.92
C HIS B 71 -32.54 -4.10 -11.13
N VAL B 72 -32.20 -3.28 -10.14
CA VAL B 72 -31.03 -2.44 -10.25
C VAL B 72 -29.82 -3.36 -10.15
N ILE B 73 -29.76 -4.13 -9.07
CA ILE B 73 -28.68 -5.10 -8.87
C ILE B 73 -29.34 -6.40 -8.40
N ASP B 74 -28.71 -7.51 -8.72
CA ASP B 74 -29.22 -8.81 -8.33
C ASP B 74 -28.15 -9.50 -7.54
N GLN B 75 -28.51 -10.05 -6.38
CA GLN B 75 -27.54 -10.74 -5.54
C GLN B 75 -26.76 -11.76 -6.34
N GLY B 76 -25.46 -11.84 -6.07
CA GLY B 76 -24.62 -12.80 -6.75
C GLY B 76 -23.93 -12.27 -7.99
N ASP B 77 -24.61 -11.38 -8.71
CA ASP B 77 -24.07 -10.80 -9.94
C ASP B 77 -22.78 -10.02 -9.68
N ASP B 78 -21.92 -9.95 -10.69
CA ASP B 78 -20.69 -9.20 -10.54
C ASP B 78 -21.04 -7.72 -10.45
N GLY B 79 -20.24 -6.97 -9.70
CA GLY B 79 -20.51 -5.56 -9.56
C GLY B 79 -19.44 -4.67 -10.16
N ASP B 80 -19.89 -3.59 -10.79
CA ASP B 80 -19.01 -2.63 -11.42
C ASP B 80 -19.35 -1.19 -11.03
N ASN B 81 -20.59 -0.96 -10.61
CA ASN B 81 -20.99 0.39 -10.27
C ASN B 81 -21.51 0.61 -8.86
N PHE B 82 -21.49 1.88 -8.46
CA PHE B 82 -21.97 2.32 -7.17
C PHE B 82 -23.14 3.23 -7.55
N TYR B 83 -24.24 3.17 -6.81
CA TYR B 83 -25.38 3.99 -7.16
C TYR B 83 -25.94 4.91 -6.09
N VAL B 84 -26.35 6.09 -6.52
CA VAL B 84 -26.98 7.05 -5.62
C VAL B 84 -28.38 7.22 -6.16
N ILE B 85 -29.36 7.17 -5.28
CA ILE B 85 -30.74 7.32 -5.71
C ILE B 85 -31.04 8.79 -5.95
N GLU B 86 -31.74 9.05 -7.05
CA GLU B 86 -32.12 10.39 -7.43
C GLU B 86 -33.63 10.53 -7.21
N ARG B 87 -34.37 9.52 -7.67
CA ARG B 87 -35.84 9.48 -7.56
C ARG B 87 -36.31 8.04 -7.47
N GLY B 88 -37.51 7.85 -6.94
CA GLY B 88 -38.08 6.52 -6.87
C GLY B 88 -38.04 5.82 -5.53
N THR B 89 -38.71 4.67 -5.50
CA THR B 89 -38.77 3.82 -4.33
C THR B 89 -38.18 2.47 -4.75
N TYR B 90 -37.58 1.77 -3.80
CA TYR B 90 -36.94 0.48 -4.08
C TYR B 90 -37.05 -0.47 -2.91
N ASP B 91 -37.12 -1.76 -3.20
CA ASP B 91 -37.17 -2.77 -2.15
C ASP B 91 -35.83 -3.48 -2.15
N ILE B 92 -35.31 -3.75 -0.96
CA ILE B 92 -34.03 -4.43 -0.83
C ILE B 92 -34.28 -5.86 -0.39
N LEU B 93 -33.63 -6.81 -1.05
CA LEU B 93 -33.82 -8.21 -0.68
C LEU B 93 -32.51 -8.93 -0.46
N VAL B 94 -32.50 -9.81 0.53
CA VAL B 94 -31.31 -10.58 0.82
C VAL B 94 -31.63 -12.05 1.01
N THR B 95 -30.99 -12.87 0.18
CA THR B 95 -31.18 -14.31 0.24
C THR B 95 -30.08 -14.95 1.08
N LYS B 96 -30.48 -15.65 2.13
CA LYS B 96 -29.54 -16.34 2.98
C LYS B 96 -29.92 -17.82 2.90
N ASP B 97 -29.05 -18.62 2.30
CA ASP B 97 -29.30 -20.04 2.12
C ASP B 97 -30.53 -20.03 1.22
N ASN B 98 -31.47 -20.90 1.50
CA ASN B 98 -32.68 -20.97 0.70
C ASN B 98 -33.77 -19.92 0.97
N GLN B 99 -33.50 -18.97 1.85
CA GLN B 99 -34.53 -17.99 2.18
C GLN B 99 -34.23 -16.58 1.67
N THR B 100 -35.27 -15.93 1.17
CA THR B 100 -35.15 -14.57 0.65
C THR B 100 -36.03 -13.66 1.49
N ARG B 101 -35.43 -12.62 2.07
CA ARG B 101 -36.20 -11.70 2.89
C ARG B 101 -36.25 -10.29 2.33
N SER B 102 -37.46 -9.74 2.28
CA SER B 102 -37.63 -8.38 1.81
C SER B 102 -37.24 -7.62 3.07
N VAL B 103 -35.95 -7.31 3.20
CA VAL B 103 -35.41 -6.68 4.40
C VAL B 103 -35.60 -5.17 4.61
N GLY B 104 -35.63 -4.39 3.54
CA GLY B 104 -35.81 -2.96 3.70
C GLY B 104 -36.12 -2.23 2.41
N GLN B 105 -36.55 -0.99 2.53
CA GLN B 105 -36.89 -0.18 1.36
C GLN B 105 -36.16 1.15 1.36
N TYR B 106 -36.12 1.77 0.18
CA TYR B 106 -35.52 3.08 -0.02
C TYR B 106 -36.61 3.96 -0.60
N ASP B 107 -36.73 5.18 -0.11
CA ASP B 107 -37.74 6.08 -0.63
C ASP B 107 -37.10 7.38 -1.07
N ASN B 108 -36.64 7.42 -2.32
CA ASN B 108 -36.01 8.59 -2.89
C ASN B 108 -34.75 9.07 -2.19
N ARG B 109 -34.13 8.17 -1.43
CA ARG B 109 -32.89 8.47 -0.72
C ARG B 109 -32.08 7.18 -0.64
N GLY B 110 -30.77 7.31 -0.62
CA GLY B 110 -29.94 6.12 -0.50
C GLY B 110 -28.80 5.97 -1.48
N SER B 111 -27.99 4.95 -1.23
CA SER B 111 -26.84 4.63 -2.06
C SER B 111 -26.47 3.20 -1.69
N PHE B 112 -25.75 2.50 -2.56
CA PHE B 112 -25.37 1.12 -2.28
C PHE B 112 -24.43 0.58 -3.35
N GLY B 113 -23.65 -0.43 -2.97
CA GLY B 113 -22.69 -1.04 -3.90
C GLY B 113 -21.32 -0.41 -3.85
N GLU B 114 -21.03 0.32 -2.78
CA GLU B 114 -19.75 1.00 -2.62
C GLU B 114 -18.56 0.08 -2.85
N LEU B 115 -18.70 -1.15 -2.40
CA LEU B 115 -17.62 -2.13 -2.53
C LEU B 115 -17.17 -2.28 -3.99
N ALA B 116 -18.11 -2.18 -4.92
CA ALA B 116 -17.80 -2.30 -6.35
C ALA B 116 -16.74 -1.32 -6.84
N LEU B 117 -16.54 -0.22 -6.11
CA LEU B 117 -15.55 0.77 -6.49
C LEU B 117 -14.13 0.34 -6.14
N MET B 118 -14.01 -0.74 -5.38
CA MET B 118 -12.70 -1.21 -4.96
C MET B 118 -12.16 -2.28 -5.88
N TYR B 119 -12.95 -3.35 -6.05
CA TYR B 119 -12.61 -4.47 -6.91
C TYR B 119 -13.89 -5.18 -7.32
N ASN B 120 -13.78 -6.14 -8.24
CA ASN B 120 -14.97 -6.87 -8.70
C ASN B 120 -15.28 -7.95 -7.67
N THR B 121 -16.53 -7.96 -7.22
CA THR B 121 -16.99 -8.91 -6.21
C THR B 121 -18.50 -9.07 -6.36
N PRO B 122 -19.04 -10.21 -5.91
CA PRO B 122 -20.48 -10.51 -6.00
C PRO B 122 -21.36 -9.54 -5.22
N ARG B 123 -22.48 -9.17 -5.82
CA ARG B 123 -23.47 -8.28 -5.22
C ARG B 123 -24.05 -9.06 -4.04
N ALA B 124 -24.09 -8.43 -2.85
CA ALA B 124 -24.60 -9.12 -1.65
C ALA B 124 -26.11 -9.07 -1.40
N ALA B 125 -26.83 -8.28 -2.20
CA ALA B 125 -28.27 -8.14 -2.06
C ALA B 125 -28.88 -7.75 -3.40
N THR B 126 -30.20 -7.87 -3.51
CA THR B 126 -30.90 -7.51 -4.74
C THR B 126 -31.77 -6.29 -4.51
N ILE B 127 -31.69 -5.32 -5.41
CA ILE B 127 -32.49 -4.10 -5.29
C ILE B 127 -33.45 -3.95 -6.47
N ILE B 128 -34.73 -3.87 -6.16
CA ILE B 128 -35.74 -3.71 -7.21
C ILE B 128 -36.52 -2.41 -7.08
N ALA B 129 -36.71 -1.74 -8.20
CA ALA B 129 -37.45 -0.49 -8.22
C ALA B 129 -38.94 -0.78 -8.08
N THR B 130 -39.64 0.07 -7.35
CA THR B 130 -41.07 -0.12 -7.16
C THR B 130 -41.83 1.05 -7.77
N SER B 131 -41.13 1.83 -8.59
CA SER B 131 -41.73 2.96 -9.27
C SER B 131 -40.74 3.46 -10.29
N GLU B 132 -41.13 4.45 -11.08
CA GLU B 132 -40.21 5.01 -12.04
C GLU B 132 -39.24 5.77 -11.14
N GLY B 133 -37.95 5.61 -11.40
CA GLY B 133 -36.96 6.30 -10.58
C GLY B 133 -35.72 6.61 -11.38
N SER B 134 -34.79 7.32 -10.75
CA SER B 134 -33.54 7.69 -11.39
C SER B 134 -32.39 7.52 -10.42
N LEU B 135 -31.28 6.95 -10.88
CA LEU B 135 -30.11 6.72 -10.05
C LEU B 135 -28.85 7.26 -10.69
N TRP B 136 -27.95 7.79 -9.88
CA TRP B 136 -26.67 8.27 -10.40
C TRP B 136 -25.69 7.11 -10.22
N GLY B 137 -25.01 6.72 -11.28
CA GLY B 137 -24.08 5.61 -11.18
C GLY B 137 -22.63 5.97 -11.43
N LEU B 138 -21.73 5.18 -10.84
CA LEU B 138 -20.30 5.40 -11.01
C LEU B 138 -19.56 4.09 -11.21
N ASP B 139 -18.87 3.99 -12.32
CA ASP B 139 -18.12 2.80 -12.66
C ASP B 139 -16.76 2.79 -11.95
N ARG B 140 -16.40 1.64 -11.38
CA ARG B 140 -15.14 1.48 -10.67
C ARG B 140 -13.95 2.04 -11.44
N VAL B 141 -13.71 1.50 -12.64
CA VAL B 141 -12.58 1.93 -13.46
C VAL B 141 -12.49 3.44 -13.64
N THR B 142 -13.64 4.07 -13.86
CA THR B 142 -13.66 5.50 -14.03
C THR B 142 -13.26 6.15 -12.71
N PHE B 143 -13.85 5.69 -11.61
CA PHE B 143 -13.57 6.23 -10.29
C PHE B 143 -12.13 6.05 -9.86
N ARG B 144 -11.57 4.86 -10.02
CA ARG B 144 -10.20 4.65 -9.63
C ARG B 144 -9.25 5.52 -10.46
N ARG B 145 -9.44 5.55 -11.78
CA ARG B 145 -8.57 6.35 -12.64
C ARG B 145 -8.60 7.84 -12.32
N ILE B 146 -9.77 8.40 -12.00
CA ILE B 146 -9.86 9.81 -11.65
C ILE B 146 -8.99 10.12 -10.42
N ILE B 147 -9.14 9.29 -9.39
CA ILE B 147 -8.44 9.42 -8.13
C ILE B 147 -6.94 9.20 -8.18
N VAL B 148 -6.52 8.06 -8.76
CA VAL B 148 -5.10 7.77 -8.87
C VAL B 148 -4.41 8.86 -9.67
N LYS B 149 -4.94 9.15 -10.86
CA LYS B 149 -4.38 10.18 -11.71
C LYS B 149 -4.16 11.47 -10.95
N ASN B 150 -5.18 11.89 -10.21
CA ASN B 150 -5.08 13.13 -9.47
C ASN B 150 -4.08 13.07 -8.32
N ASN B 151 -4.03 11.96 -7.60
CA ASN B 151 -3.08 11.86 -6.51
C ASN B 151 -1.65 11.72 -7.02
N ALA B 152 -1.48 11.12 -8.20
CA ALA B 152 -0.17 10.96 -8.79
C ALA B 152 0.32 12.29 -9.36
N LYS B 153 -0.63 13.16 -9.69
CA LYS B 153 -0.29 14.48 -10.21
C LYS B 153 0.11 15.34 -9.04
N LYS B 154 -0.65 15.22 -7.95
CA LYS B 154 -0.40 15.98 -6.74
C LYS B 154 0.99 15.62 -6.19
N ARG B 155 1.31 14.32 -6.21
CA ARG B 155 2.58 13.84 -5.73
C ARG B 155 3.74 14.44 -6.49
N LYS B 156 3.62 14.46 -7.82
CA LYS B 156 4.67 15.00 -8.67
C LYS B 156 4.86 16.49 -8.37
N MET B 157 3.74 17.17 -8.11
CA MET B 157 3.75 18.59 -7.80
C MET B 157 4.36 18.86 -6.43
N PHE B 158 4.05 18.02 -5.44
CA PHE B 158 4.60 18.19 -4.10
C PHE B 158 6.09 17.95 -4.18
N GLU B 159 6.44 16.90 -4.91
CA GLU B 159 7.82 16.50 -5.10
C GLU B 159 8.67 17.65 -5.62
N SER B 160 8.13 18.39 -6.58
CA SER B 160 8.82 19.51 -7.18
C SER B 160 9.08 20.64 -6.18
N PHE B 161 8.09 20.99 -5.39
CA PHE B 161 8.25 22.06 -4.42
C PHE B 161 9.22 21.73 -3.32
N ILE B 162 9.44 20.44 -3.08
CA ILE B 162 10.38 20.01 -2.04
C ILE B 162 11.78 20.03 -2.66
N GLU B 163 11.84 19.57 -3.90
CA GLU B 163 13.08 19.46 -4.64
C GLU B 163 13.76 20.79 -4.90
N SER B 164 12.96 21.82 -5.21
CA SER B 164 13.54 23.11 -5.48
C SER B 164 13.97 23.84 -4.20
N VAL B 165 13.61 23.30 -3.03
CA VAL B 165 14.02 23.89 -1.75
C VAL B 165 15.45 23.41 -1.48
N PRO B 166 16.44 24.32 -1.59
CA PRO B 166 17.87 24.02 -1.38
C PRO B 166 18.24 23.30 -0.07
N LEU B 167 17.49 23.56 0.99
CA LEU B 167 17.74 22.93 2.28
C LEU B 167 17.60 21.41 2.18
N PHE B 168 16.76 20.96 1.26
CA PHE B 168 16.49 19.54 1.09
C PHE B 168 17.19 18.86 -0.10
N LYS B 169 18.10 19.57 -0.74
CA LYS B 169 18.83 19.04 -1.91
C LYS B 169 19.62 17.77 -1.66
N SER B 170 20.11 17.59 -0.44
CA SER B 170 20.89 16.41 -0.10
C SER B 170 19.96 15.22 0.15
N LEU B 171 18.66 15.47 0.14
CA LEU B 171 17.70 14.40 0.35
C LEU B 171 17.70 13.46 -0.85
N GLU B 172 17.47 12.19 -0.57
CA GLU B 172 17.42 11.16 -1.59
C GLU B 172 16.00 11.15 -2.11
N MET B 173 15.78 10.53 -3.27
CA MET B 173 14.44 10.47 -3.85
C MET B 173 13.41 9.88 -2.89
N SER B 174 13.73 8.72 -2.34
CA SER B 174 12.85 8.04 -1.42
C SER B 174 12.56 8.85 -0.17
N GLU B 175 13.50 9.70 0.24
CA GLU B 175 13.30 10.51 1.43
C GLU B 175 12.34 11.65 1.12
N ARG B 176 12.35 12.14 -0.11
CA ARG B 176 11.43 13.20 -0.48
C ARG B 176 10.02 12.64 -0.57
N MET B 177 9.92 11.39 -0.99
CA MET B 177 8.61 10.76 -1.14
C MET B 177 7.94 10.49 0.19
N LYS B 178 8.75 10.22 1.23
CA LYS B 178 8.19 10.00 2.55
C LYS B 178 7.53 11.31 3.00
N ILE B 179 8.15 12.42 2.65
CA ILE B 179 7.61 13.74 2.99
C ILE B 179 6.29 13.93 2.22
N VAL B 180 6.36 13.72 0.91
CA VAL B 180 5.20 13.86 0.03
C VAL B 180 4.02 13.04 0.57
N ASP B 181 4.31 11.85 1.06
CA ASP B 181 3.28 10.98 1.62
C ASP B 181 2.44 11.61 2.73
N VAL B 182 3.09 12.37 3.60
CA VAL B 182 2.41 12.91 4.76
C VAL B 182 2.17 14.41 4.84
N ILE B 183 2.89 15.16 4.02
CA ILE B 183 2.81 16.62 4.02
C ILE B 183 1.41 17.21 3.78
N GLY B 184 1.08 18.28 4.49
CA GLY B 184 -0.23 18.88 4.32
C GLY B 184 -0.30 20.13 3.46
N GLU B 185 -1.54 20.51 3.14
CA GLU B 185 -1.82 21.69 2.35
C GLU B 185 -2.84 22.55 3.10
N LYS B 186 -2.74 23.86 2.93
CA LYS B 186 -3.64 24.80 3.57
C LYS B 186 -3.84 25.99 2.66
N ILE B 187 -5.06 26.51 2.65
CA ILE B 187 -5.40 27.67 1.86
C ILE B 187 -5.64 28.81 2.84
N TYR B 188 -5.10 29.99 2.51
CA TYR B 188 -5.28 31.15 3.37
C TYR B 188 -5.81 32.30 2.51
N LYS B 189 -6.81 33.00 3.04
CA LYS B 189 -7.38 34.14 2.34
C LYS B 189 -6.56 35.36 2.70
N ASP B 190 -6.36 36.24 1.73
CA ASP B 190 -5.58 37.46 1.91
C ASP B 190 -5.74 38.08 3.29
N GLY B 191 -4.61 38.43 3.90
CA GLY B 191 -4.62 39.07 5.19
C GLY B 191 -4.68 38.20 6.44
N GLU B 192 -5.11 36.95 6.31
CA GLU B 192 -5.20 36.10 7.49
C GLU B 192 -3.84 35.61 7.96
N ARG B 193 -3.67 35.55 9.28
CA ARG B 193 -2.42 35.12 9.89
C ARG B 193 -2.15 33.64 9.75
N ILE B 194 -0.93 33.31 9.38
CA ILE B 194 -0.50 31.93 9.19
C ILE B 194 0.34 31.51 10.40
N ILE B 195 1.32 32.35 10.75
CA ILE B 195 2.20 32.12 11.89
C ILE B 195 2.13 33.32 12.83
N ALA B 196 1.95 33.05 14.12
CA ALA B 196 1.85 34.12 15.09
C ALA B 196 3.12 34.19 15.94
N GLN B 197 3.70 35.38 16.00
CA GLN B 197 4.91 35.58 16.79
C GLN B 197 4.67 35.20 18.25
N GLY B 198 5.52 34.34 18.79
CA GLY B 198 5.37 33.96 20.18
C GLY B 198 4.89 32.55 20.43
N GLU B 199 4.02 32.03 19.57
CA GLU B 199 3.53 30.68 19.79
C GLU B 199 4.64 29.67 19.45
N LYS B 200 4.42 28.39 19.75
CA LYS B 200 5.44 27.39 19.48
C LYS B 200 5.60 26.99 18.02
N ALA B 201 6.86 26.89 17.59
CA ALA B 201 7.20 26.52 16.22
C ALA B 201 7.20 25.01 16.06
N ASP B 202 6.13 24.50 15.46
CA ASP B 202 5.95 23.07 15.23
C ASP B 202 6.14 22.64 13.79
N SER B 203 5.93 23.55 12.84
CA SER B 203 6.09 23.19 11.44
C SER B 203 6.70 24.29 10.57
N PHE B 204 6.92 23.96 9.30
CA PHE B 204 7.46 24.89 8.34
C PHE B 204 6.59 24.90 7.09
N TYR B 205 6.64 25.98 6.36
CA TYR B 205 5.81 26.11 5.18
C TYR B 205 6.60 26.32 3.91
N ILE B 206 5.98 25.92 2.79
CA ILE B 206 6.55 26.08 1.47
C ILE B 206 5.43 26.65 0.61
N ILE B 207 5.57 27.90 0.21
CA ILE B 207 4.56 28.56 -0.59
C ILE B 207 4.46 27.97 -1.98
N GLU B 208 3.26 27.57 -2.39
CA GLU B 208 3.10 27.03 -3.73
C GLU B 208 2.30 28.00 -4.58
N SER B 209 1.84 29.09 -3.95
CA SER B 209 1.10 30.13 -4.64
C SER B 209 0.81 31.31 -3.72
N GLY B 210 0.85 32.52 -4.29
CA GLY B 210 0.58 33.71 -3.51
C GLY B 210 1.83 34.26 -2.88
N GLU B 211 1.65 35.13 -1.89
CA GLU B 211 2.77 35.73 -1.18
C GLU B 211 2.50 35.80 0.32
N VAL B 212 3.56 35.84 1.11
CA VAL B 212 3.45 35.89 2.56
C VAL B 212 4.33 37.00 3.13
N SER B 213 3.75 37.79 4.03
CA SER B 213 4.48 38.89 4.65
C SER B 213 4.88 38.47 6.06
N ILE B 214 6.17 38.63 6.37
CA ILE B 214 6.69 38.28 7.69
C ILE B 214 6.92 39.56 8.49
N LEU B 215 6.17 39.71 9.57
CA LEU B 215 6.27 40.90 10.40
C LEU B 215 6.79 40.58 11.79
N ILE B 216 7.42 41.58 12.43
CA ILE B 216 7.96 41.44 13.78
C ILE B 216 7.70 42.72 14.56
N ARG B 217 7.18 42.59 15.78
CA ARG B 217 6.90 43.76 16.61
C ARG B 217 8.17 44.09 17.41
N SER B 218 8.95 45.05 16.91
CA SER B 218 10.21 45.47 17.51
C SER B 218 10.20 45.91 18.97
N LYS B 219 10.13 44.92 19.87
CA LYS B 219 10.16 45.16 21.31
C LYS B 219 11.23 44.21 21.84
N THR B 220 11.18 42.98 21.32
CA THR B 220 12.15 41.95 21.72
C THR B 220 13.51 42.41 21.13
N LYS B 221 13.87 43.68 21.38
CA LYS B 221 15.15 44.25 20.89
C LYS B 221 15.80 45.22 21.91
N SER B 222 16.15 44.72 23.12
CA SER B 222 16.84 45.56 24.12
C SER B 222 16.80 45.24 25.62
N ASN B 223 15.75 45.74 26.27
CA ASN B 223 15.60 45.53 27.72
C ASN B 223 14.26 46.17 27.97
N LYS B 224 13.06 45.60 27.78
CA LYS B 224 11.85 46.39 28.07
C LYS B 224 11.23 47.60 27.41
N ASN B 225 10.57 47.57 26.21
CA ASN B 225 9.98 48.78 25.53
C ASN B 225 10.32 48.77 24.04
N GLY B 226 9.73 49.88 23.53
CA GLY B 226 9.89 50.36 22.14
C GLY B 226 9.02 49.97 20.96
N GLY B 227 9.34 50.34 19.70
CA GLY B 227 8.42 50.11 18.55
C GLY B 227 7.04 49.60 18.95
N ASN B 228 6.87 48.34 19.36
CA ASN B 228 5.53 47.88 19.73
C ASN B 228 4.56 48.36 18.62
N GLN B 229 4.74 47.79 17.42
CA GLN B 229 3.96 48.13 16.24
C GLN B 229 4.01 46.96 15.23
N GLU B 230 4.45 47.23 14.01
CA GLU B 230 4.54 46.21 12.97
C GLU B 230 5.62 46.50 11.93
N VAL B 231 6.56 45.57 11.77
CA VAL B 231 7.64 45.75 10.79
C VAL B 231 7.85 44.49 9.95
N GLU B 232 7.89 44.67 8.63
CA GLU B 232 8.06 43.56 7.71
C GLU B 232 9.53 43.19 7.49
N ILE B 233 9.94 42.04 8.03
CA ILE B 233 11.31 41.57 7.89
C ILE B 233 11.58 40.97 6.51
N ALA B 234 10.66 40.14 6.04
CA ALA B 234 10.78 39.49 4.74
C ALA B 234 9.45 39.40 4.01
N HIS B 235 9.48 38.98 2.75
CA HIS B 235 8.29 38.88 1.93
C HIS B 235 8.50 37.75 0.92
N CYS B 236 7.90 36.58 1.20
CA CYS B 236 8.07 35.40 0.37
C CYS B 236 7.03 35.14 -0.72
N HIS B 237 7.44 34.42 -1.76
CA HIS B 237 6.57 34.11 -2.88
C HIS B 237 6.61 32.64 -3.27
N LYS B 238 5.89 32.32 -4.34
CA LYS B 238 5.82 30.96 -4.86
C LYS B 238 7.18 30.26 -4.84
N GLY B 239 7.24 29.11 -4.19
CA GLY B 239 8.48 28.35 -4.13
C GLY B 239 9.32 28.56 -2.90
N GLN B 240 9.10 29.68 -2.21
CA GLN B 240 9.86 29.97 -1.00
C GLN B 240 9.24 29.30 0.21
N TYR B 241 9.98 29.29 1.30
CA TYR B 241 9.51 28.67 2.53
C TYR B 241 9.80 29.58 3.70
N PHE B 242 9.08 29.37 4.79
CA PHE B 242 9.26 30.16 6.01
C PHE B 242 8.96 29.27 7.22
N GLY B 243 9.44 29.69 8.39
CA GLY B 243 9.24 28.90 9.58
C GLY B 243 10.33 27.84 9.70
N GLU B 244 11.32 27.91 8.80
CA GLU B 244 12.43 26.95 8.77
C GLU B 244 13.12 26.74 10.11
N LEU B 245 13.23 27.79 10.92
CA LEU B 245 13.90 27.66 12.21
C LEU B 245 13.30 26.61 13.15
N ALA B 246 12.06 26.21 12.92
CA ALA B 246 11.44 25.22 13.78
C ALA B 246 12.17 23.90 13.58
N LEU B 247 12.85 23.77 12.44
CA LEU B 247 13.59 22.57 12.12
C LEU B 247 14.93 22.49 12.85
N VAL B 248 15.48 23.63 13.24
CA VAL B 248 16.78 23.60 13.92
C VAL B 248 16.85 24.15 15.34
N THR B 249 15.74 24.64 15.86
CA THR B 249 15.73 25.17 17.22
C THR B 249 14.39 24.90 17.90
N ASN B 250 14.28 25.36 19.15
CA ASN B 250 13.06 25.18 19.90
C ASN B 250 12.74 26.40 20.76
N LYS B 251 12.65 27.55 20.10
CA LYS B 251 12.32 28.81 20.76
C LYS B 251 11.04 29.32 20.12
N PRO B 252 10.23 30.10 20.84
CA PRO B 252 8.98 30.61 20.26
C PRO B 252 9.24 31.31 18.94
N ARG B 253 8.20 31.41 18.10
CA ARG B 253 8.35 32.07 16.80
C ARG B 253 8.88 33.48 17.01
N ALA B 254 9.84 33.87 16.19
CA ALA B 254 10.43 35.20 16.28
C ALA B 254 9.49 36.25 15.74
N ALA B 255 8.81 35.92 14.65
CA ALA B 255 7.89 36.85 14.01
C ALA B 255 6.59 36.19 13.52
N SER B 256 5.63 37.03 13.14
CA SER B 256 4.33 36.58 12.64
C SER B 256 4.35 36.55 11.11
N ALA B 257 3.47 35.77 10.52
CA ALA B 257 3.40 35.66 9.06
C ALA B 257 1.95 35.78 8.62
N TYR B 258 1.70 36.65 7.65
CA TYR B 258 0.35 36.86 7.16
C TYR B 258 0.27 36.63 5.66
N GLY B 259 -0.85 36.10 5.20
CA GLY B 259 -1.06 35.84 3.79
C GLY B 259 -1.25 37.13 3.01
N VAL B 260 -0.46 37.33 1.97
CA VAL B 260 -0.56 38.52 1.14
C VAL B 260 -1.34 38.11 -0.10
N GLY B 261 -2.66 38.13 0.03
CA GLY B 261 -3.52 37.73 -1.06
C GLY B 261 -3.94 36.29 -0.79
N ASP B 262 -4.39 35.58 -1.82
CA ASP B 262 -4.78 34.20 -1.64
C ASP B 262 -3.52 33.35 -1.62
N VAL B 263 -3.40 32.50 -0.60
CA VAL B 263 -2.21 31.67 -0.43
C VAL B 263 -2.47 30.19 -0.30
N LYS B 264 -1.52 29.40 -0.79
CA LYS B 264 -1.58 27.96 -0.68
C LYS B 264 -0.16 27.54 -0.29
N CYS B 265 -0.05 26.89 0.88
CA CYS B 265 1.24 26.44 1.40
C CYS B 265 1.26 24.97 1.71
N LEU B 266 2.44 24.37 1.62
CA LEU B 266 2.60 22.98 2.01
C LEU B 266 3.05 23.11 3.46
N VAL B 267 2.40 22.38 4.37
CA VAL B 267 2.73 22.46 5.79
C VAL B 267 3.31 21.15 6.32
N MET B 268 4.53 21.20 6.85
CA MET B 268 5.15 19.99 7.36
C MET B 268 5.46 20.06 8.84
N ASP B 269 4.99 19.07 9.58
CA ASP B 269 5.26 19.06 11.01
C ASP B 269 6.72 18.67 11.25
N VAL B 270 7.40 19.44 12.10
CA VAL B 270 8.81 19.18 12.39
C VAL B 270 9.06 17.83 13.06
N GLN B 271 8.24 17.48 14.06
CA GLN B 271 8.40 16.22 14.73
C GLN B 271 8.23 15.04 13.79
N ALA B 272 7.28 15.12 12.87
CA ALA B 272 7.07 14.05 11.90
C ALA B 272 8.29 13.98 10.99
N PHE B 273 8.76 15.15 10.57
CA PHE B 273 9.93 15.25 9.72
C PHE B 273 11.12 14.53 10.37
N GLU B 274 11.37 14.81 11.65
CA GLU B 274 12.47 14.16 12.36
C GLU B 274 12.29 12.64 12.47
N ARG B 275 11.10 12.18 12.82
CA ARG B 275 10.85 10.75 12.94
C ARG B 275 11.11 10.04 11.62
N LEU B 276 10.84 10.73 10.51
CA LEU B 276 11.04 10.15 9.19
C LEU B 276 12.45 10.24 8.67
N LEU B 277 13.07 11.42 8.77
CA LEU B 277 14.41 11.64 8.22
C LEU B 277 15.51 11.93 9.23
N GLY B 278 15.15 12.04 10.50
CA GLY B 278 16.14 12.37 11.52
C GLY B 278 16.23 13.88 11.59
N PRO B 279 17.06 14.45 12.47
CA PRO B 279 17.21 15.90 12.61
C PRO B 279 17.70 16.62 11.34
N CYS B 280 17.15 17.81 11.09
CA CYS B 280 17.51 18.59 9.91
C CYS B 280 18.97 18.99 9.84
N MET B 281 19.58 19.24 10.99
CA MET B 281 20.99 19.61 11.01
C MET B 281 21.89 18.59 10.33
N ASP B 282 21.60 17.29 10.53
CA ASP B 282 22.40 16.25 9.89
C ASP B 282 22.26 16.30 8.36
N ILE B 283 21.03 16.50 7.90
CA ILE B 283 20.78 16.59 6.46
C ILE B 283 21.60 17.76 5.84
N MET B 284 21.64 18.89 6.54
CA MET B 284 22.38 20.06 6.07
C MET B 284 23.86 19.80 5.95
N LYS B 285 24.36 18.88 6.75
CA LYS B 285 25.78 18.55 6.75
C LYS B 285 26.15 17.45 5.77
N ARG B 286 25.17 16.65 5.35
CA ARG B 286 25.39 15.57 4.42
C ARG B 286 26.37 15.95 3.33
N ASN B 287 26.08 17.08 2.68
CA ASN B 287 26.96 17.57 1.63
C ASN B 287 27.84 18.64 2.28
N ILE B 288 29.01 18.20 2.73
CA ILE B 288 29.93 19.07 3.42
C ILE B 288 30.41 20.35 2.70
N SER B 289 30.49 20.35 1.38
CA SER B 289 30.96 21.56 0.70
C SER B 289 29.91 22.67 0.70
N HIS B 290 28.71 22.35 1.16
CA HIS B 290 27.66 23.34 1.21
C HIS B 290 27.17 23.56 2.63
N TYR B 291 27.82 22.91 3.58
CA TYR B 291 27.42 23.04 4.98
C TYR B 291 27.48 24.50 5.43
N GLU B 292 28.61 25.16 5.21
CA GLU B 292 28.74 26.55 5.63
C GLU B 292 27.61 27.38 5.01
N GLU B 293 27.49 27.32 3.68
CA GLU B 293 26.44 28.06 2.97
C GLU B 293 25.08 27.89 3.64
N GLN B 294 24.73 26.63 3.88
CA GLN B 294 23.46 26.29 4.52
C GLN B 294 23.34 26.95 5.89
N LEU B 295 24.41 26.88 6.68
CA LEU B 295 24.43 27.46 8.01
C LEU B 295 24.17 28.98 7.97
N VAL B 296 24.84 29.66 7.05
CA VAL B 296 24.68 31.09 6.92
C VAL B 296 23.26 31.43 6.48
N LYS B 297 22.65 30.54 5.71
CA LYS B 297 21.30 30.76 5.25
C LYS B 297 20.31 30.71 6.42
N MET B 298 20.47 29.70 7.25
CA MET B 298 19.58 29.46 8.39
C MET B 298 19.74 30.43 9.56
N PHE B 299 20.97 30.76 9.91
CA PHE B 299 21.23 31.64 11.04
C PHE B 299 21.89 32.96 10.61
N GLY B 300 21.90 33.21 9.32
CA GLY B 300 22.55 34.41 8.82
C GLY B 300 21.69 35.65 8.76
N SER B 301 22.34 36.74 8.38
CA SER B 301 21.75 38.08 8.26
C SER B 301 20.41 38.17 7.52
N ASN B 302 20.47 38.15 6.20
CA ASN B 302 19.28 38.25 5.36
C ASN B 302 18.34 37.05 5.57
#